data_6K6M
#
_entry.id   6K6M
#
_cell.length_a   43.577
_cell.length_b   44.770
_cell.length_c   103.636
_cell.angle_alpha   90.000
_cell.angle_beta   90.000
_cell.angle_gamma   90.000
#
_symmetry.space_group_name_H-M   'P 21 21 21'
#
loop_
_entity.id
_entity.type
_entity.pdbx_description
1 polymer 'Protein Nef'
2 water water
#
_entity_poly.entity_id   1
_entity_poly.type   'polypeptide(L)'
_entity_poly.pdbx_seq_one_letter_code
;HMVDSDDDDLVGVPVSPKVPLRTMTPRLARDMSFLIKDKGGLEGMYYSRRRHRILDIYLEKEEGIIPDWHNYTHGPGIRF
PKCPGWLWKLVPVDHPQEEQNDEANYLLHPAQVSKHDDPHGETLVWRFDPMLAHEYVAFKKYPEEFGYQSGLPEDVWKAK
LKARGIPFN
;
_entity_poly.pdbx_strand_id   A
#
# COMPACT_ATOMS: atom_id res chain seq x y z
N PRO A 17 -19.34 13.45 -1.27
CA PRO A 17 -19.49 12.08 -1.78
C PRO A 17 -20.71 11.93 -2.69
N LYS A 18 -20.47 11.60 -3.97
CA LYS A 18 -21.56 11.40 -4.90
C LYS A 18 -22.34 10.12 -4.62
N VAL A 19 -21.73 9.19 -3.88
CA VAL A 19 -22.31 7.88 -3.57
C VAL A 19 -22.36 7.76 -2.05
N PRO A 20 -23.34 7.07 -1.48
CA PRO A 20 -23.30 6.80 -0.04
C PRO A 20 -22.01 6.11 0.36
N LEU A 21 -21.50 6.48 1.54
CA LEU A 21 -20.22 5.96 2.00
C LEU A 21 -20.33 4.50 2.38
N ARG A 22 -19.27 3.74 2.09
CA ARG A 22 -19.24 2.31 2.38
C ARG A 22 -17.80 1.91 2.67
N THR A 23 -17.65 0.73 3.27
CA THR A 23 -16.32 0.20 3.58
C THR A 23 -15.87 -0.74 2.47
N MET A 24 -14.55 -0.75 2.25
CA MET A 24 -13.97 -1.66 1.26
C MET A 24 -14.17 -3.11 1.69
N THR A 25 -14.55 -3.95 0.74
CA THR A 25 -14.63 -5.38 0.91
C THR A 25 -13.62 -6.05 -0.02
N PRO A 26 -13.23 -7.30 0.25
CA PRO A 26 -12.35 -8.00 -0.69
C PRO A 26 -12.90 -8.06 -2.11
N ARG A 27 -14.19 -8.32 -2.26
CA ARG A 27 -14.78 -8.41 -3.59
C ARG A 27 -14.70 -7.05 -4.31
N LEU A 28 -15.01 -5.97 -3.59
CA LEU A 28 -14.91 -4.65 -4.19
C LEU A 28 -13.46 -4.33 -4.57
N ALA A 29 -12.51 -4.64 -3.68
CA ALA A 29 -11.10 -4.41 -3.98
C ALA A 29 -10.66 -5.20 -5.21
N ARG A 30 -11.13 -6.45 -5.33
CA ARG A 30 -10.80 -7.27 -6.49
C ARG A 30 -11.37 -6.68 -7.76
N ASP A 31 -12.66 -6.30 -7.73
CA ASP A 31 -13.28 -5.68 -8.90
C ASP A 31 -12.57 -4.39 -9.28
N MET A 32 -12.24 -3.57 -8.29
CA MET A 32 -11.52 -2.33 -8.55
C MET A 32 -10.14 -2.61 -9.16
N SER A 33 -9.43 -3.60 -8.61
CA SER A 33 -8.08 -3.88 -9.07
C SER A 33 -8.06 -4.22 -10.55
N PHE A 34 -8.95 -5.13 -10.98
CA PHE A 34 -8.96 -5.52 -12.38
C PHE A 34 -9.44 -4.39 -13.28
N LEU A 35 -10.35 -3.55 -12.79
CA LEU A 35 -10.82 -2.43 -13.59
C LEU A 35 -9.71 -1.40 -13.80
N ILE A 36 -9.00 -1.05 -12.73
CA ILE A 36 -7.85 -0.17 -12.84
C ILE A 36 -6.80 -0.77 -13.77
N LYS A 37 -6.57 -2.08 -13.65
CA LYS A 37 -5.64 -2.75 -14.56
C LYS A 37 -6.07 -2.56 -16.01
N ASP A 38 -7.35 -2.80 -16.29
CA ASP A 38 -7.84 -2.71 -17.67
C ASP A 38 -7.71 -1.30 -18.23
N LYS A 39 -7.83 -0.28 -17.38
CA LYS A 39 -7.74 1.11 -17.82
C LYS A 39 -6.30 1.61 -17.90
N GLY A 40 -5.31 0.76 -17.63
CA GLY A 40 -3.92 1.15 -17.70
C GLY A 40 -3.40 1.92 -16.49
N GLY A 41 -4.16 1.97 -15.40
CA GLY A 41 -3.74 2.74 -14.25
C GLY A 41 -2.68 2.06 -13.42
N LEU A 42 -1.93 2.89 -12.68
CA LEU A 42 -1.03 2.48 -11.61
C LEU A 42 0.21 1.72 -12.07
N GLU A 43 0.07 0.78 -13.01
CA GLU A 43 1.18 -0.09 -13.39
C GLU A 43 2.38 0.73 -13.84
N GLY A 44 3.52 0.51 -13.17
CA GLY A 44 4.75 1.17 -13.54
C GLY A 44 4.87 2.60 -13.08
N MET A 45 3.87 3.16 -12.40
CA MET A 45 3.99 4.53 -11.95
C MET A 45 4.65 4.59 -10.58
N TYR A 46 5.41 5.66 -10.36
CA TYR A 46 6.18 5.78 -9.13
C TYR A 46 5.24 6.06 -7.96
N TYR A 47 5.39 5.27 -6.90
CA TYR A 47 4.58 5.45 -5.72
C TYR A 47 5.02 6.69 -4.94
N SER A 48 4.05 7.32 -4.29
CA SER A 48 4.34 8.35 -3.30
C SER A 48 3.15 8.43 -2.37
N ARG A 49 3.40 8.86 -1.12
CA ARG A 49 2.30 9.05 -0.19
C ARG A 49 1.32 10.10 -0.71
N ARG A 50 1.82 11.09 -1.47
CA ARG A 50 0.94 12.09 -2.06
C ARG A 50 -0.01 11.47 -3.08
N ARG A 51 0.54 10.69 -4.03
CA ARG A 51 -0.32 10.00 -4.99
C ARG A 51 -1.25 9.02 -4.29
N HIS A 52 -0.73 8.33 -3.27
CA HIS A 52 -1.55 7.43 -2.44
C HIS A 52 -2.76 8.15 -1.88
N ARG A 53 -2.55 9.32 -1.27
CA ARG A 53 -3.67 10.07 -0.70
C ARG A 53 -4.63 10.53 -1.78
N ILE A 54 -4.09 11.01 -2.92
CA ILE A 54 -4.94 11.47 -4.01
C ILE A 54 -5.88 10.36 -4.46
N LEU A 55 -5.38 9.12 -4.53
CA LEU A 55 -6.21 7.99 -4.93
C LEU A 55 -7.35 7.76 -3.94
N ASP A 56 -7.02 7.73 -2.64
CA ASP A 56 -8.01 7.39 -1.63
C ASP A 56 -9.08 8.46 -1.49
N ILE A 57 -8.72 9.73 -1.67
CA ILE A 57 -9.72 10.79 -1.62
C ILE A 57 -10.64 10.71 -2.82
N TYR A 58 -10.09 10.46 -4.01
CA TYR A 58 -10.91 10.29 -5.20
C TYR A 58 -11.87 9.12 -5.04
N LEU A 59 -11.39 7.99 -4.50
CA LEU A 59 -12.25 6.83 -4.34
C LEU A 59 -13.34 7.08 -3.30
N GLU A 60 -13.06 7.90 -2.29
CA GLU A 60 -14.12 8.28 -1.37
C GLU A 60 -15.15 9.18 -2.04
N LYS A 61 -14.69 10.09 -2.89
CA LYS A 61 -15.61 11.02 -3.56
C LYS A 61 -16.46 10.29 -4.59
N GLU A 62 -15.84 9.46 -5.42
CA GLU A 62 -16.52 8.88 -6.57
C GLU A 62 -17.12 7.52 -6.30
N GLU A 63 -16.48 6.70 -5.47
CA GLU A 63 -16.98 5.37 -5.16
C GLU A 63 -17.53 5.25 -3.74
N GLY A 64 -17.47 6.33 -2.95
CA GLY A 64 -17.95 6.28 -1.58
C GLY A 64 -17.18 5.36 -0.68
N ILE A 65 -15.93 5.04 -1.01
CA ILE A 65 -15.14 4.10 -0.23
C ILE A 65 -14.42 4.86 0.87
N ILE A 66 -14.76 4.52 2.12
CA ILE A 66 -14.10 5.12 3.28
C ILE A 66 -12.60 4.84 3.21
N PRO A 67 -11.74 5.86 3.31
CA PRO A 67 -10.29 5.66 3.10
C PRO A 67 -9.58 5.10 4.34
N ASP A 68 -9.95 3.89 4.72
CA ASP A 68 -9.30 3.20 5.85
C ASP A 68 -8.66 1.89 5.43
N TRP A 69 -8.66 1.57 4.13
CA TRP A 69 -8.36 0.24 3.62
C TRP A 69 -7.02 0.15 2.90
N HIS A 70 -6.53 1.25 2.34
CA HIS A 70 -5.42 1.22 1.39
C HIS A 70 -4.11 1.33 2.15
N ASN A 71 -3.59 0.18 2.57
CA ASN A 71 -2.37 0.13 3.36
C ASN A 71 -1.48 -1.00 2.86
N TYR A 72 -0.17 -0.77 2.94
CA TYR A 72 0.83 -1.74 2.53
C TYR A 72 1.75 -2.06 3.70
N THR A 73 2.47 -3.17 3.59
CA THR A 73 3.41 -3.55 4.63
C THR A 73 4.57 -2.56 4.67
N HIS A 74 5.33 -2.61 5.78
CA HIS A 74 6.28 -1.56 6.12
C HIS A 74 7.54 -1.60 5.26
N GLY A 75 7.95 -2.77 4.80
CA GLY A 75 9.19 -2.90 4.07
C GLY A 75 10.38 -3.08 5.01
N PRO A 76 11.60 -2.99 4.48
CA PRO A 76 11.93 -2.66 3.08
C PRO A 76 11.69 -3.82 2.12
N GLY A 77 11.88 -3.58 0.84
CA GLY A 77 11.53 -4.56 -0.17
C GLY A 77 10.14 -4.33 -0.71
N ILE A 78 9.57 -5.40 -1.27
CA ILE A 78 8.23 -5.33 -1.85
C ILE A 78 7.22 -5.08 -0.73
N ARG A 79 6.34 -4.09 -0.94
CA ARG A 79 5.31 -3.72 0.01
C ARG A 79 3.99 -4.37 -0.41
N PHE A 80 3.46 -5.26 0.46
CA PHE A 80 2.28 -6.03 0.09
C PHE A 80 1.01 -5.41 0.65
N PRO A 81 -0.10 -5.52 -0.08
CA PRO A 81 -1.35 -4.91 0.38
C PRO A 81 -1.93 -5.65 1.56
N LYS A 82 -2.32 -4.89 2.60
CA LYS A 82 -2.92 -5.47 3.78
C LYS A 82 -4.43 -5.67 3.65
N CYS A 83 -4.99 -5.36 2.49
CA CYS A 83 -6.40 -5.57 2.22
C CYS A 83 -6.55 -6.77 1.30
N PRO A 84 -7.17 -7.86 1.74
CA PRO A 84 -7.38 -9.00 0.83
C PRO A 84 -8.23 -8.57 -0.35
N GLY A 85 -7.78 -8.93 -1.55
CA GLY A 85 -8.47 -8.59 -2.77
C GLY A 85 -7.87 -7.42 -3.53
N TRP A 86 -7.11 -6.56 -2.86
CA TRP A 86 -6.38 -5.50 -3.55
C TRP A 86 -5.17 -6.14 -4.21
N LEU A 87 -5.15 -6.14 -5.55
CA LEU A 87 -4.17 -6.89 -6.33
C LEU A 87 -3.01 -6.02 -6.79
N TRP A 88 -2.63 -5.02 -5.99
CA TRP A 88 -1.54 -4.12 -6.33
C TRP A 88 -0.52 -4.12 -5.20
N LYS A 89 0.75 -4.15 -5.57
CA LYS A 89 1.85 -4.11 -4.61
C LYS A 89 2.86 -3.06 -5.06
N LEU A 90 3.79 -2.72 -4.16
CA LEU A 90 4.82 -1.72 -4.41
C LEU A 90 6.17 -2.42 -4.47
N VAL A 91 6.88 -2.26 -5.59
CA VAL A 91 8.09 -3.00 -5.87
C VAL A 91 9.25 -2.01 -5.98
N PRO A 92 10.35 -2.22 -5.26
CA PRO A 92 11.48 -1.29 -5.34
C PRO A 92 12.14 -1.30 -6.71
N VAL A 93 12.61 -0.12 -7.13
CA VAL A 93 13.33 0.02 -8.39
C VAL A 93 14.74 0.49 -8.09
N ASP A 94 15.59 0.40 -9.11
CA ASP A 94 16.95 0.90 -9.00
C ASP A 94 17.03 2.36 -9.45
N GLU A 99 23.17 11.84 -7.29
CA GLU A 99 22.47 12.86 -8.07
C GLU A 99 23.22 14.19 -8.04
N GLN A 100 24.37 14.26 -8.73
CA GLN A 100 25.24 15.42 -8.66
C GLN A 100 24.95 16.45 -9.75
N ASN A 101 23.74 16.48 -10.28
CA ASN A 101 23.22 17.67 -10.97
C ASN A 101 22.17 18.30 -10.05
N ASP A 102 22.67 18.95 -8.99
CA ASP A 102 21.81 19.39 -7.90
C ASP A 102 20.80 20.44 -8.36
N GLU A 103 21.18 21.30 -9.30
CA GLU A 103 20.27 22.38 -9.71
C GLU A 103 19.07 21.83 -10.46
N ALA A 104 19.30 20.95 -11.44
CA ALA A 104 18.20 20.31 -12.13
C ALA A 104 17.35 19.48 -11.17
N ASN A 105 18.01 18.79 -10.23
CA ASN A 105 17.26 18.06 -9.20
C ASN A 105 16.44 19.01 -8.35
N TYR A 106 16.95 20.21 -8.07
CA TYR A 106 16.16 21.20 -7.34
C TYR A 106 14.94 21.63 -8.14
N LEU A 107 15.14 21.92 -9.43
CA LEU A 107 14.03 22.39 -10.26
C LEU A 107 12.92 21.35 -10.35
N LEU A 108 13.30 20.07 -10.35
CA LEU A 108 12.33 18.99 -10.48
C LEU A 108 11.93 18.36 -9.15
N HIS A 109 12.71 18.59 -8.09
CA HIS A 109 12.44 17.98 -6.78
C HIS A 109 13.03 18.87 -5.70
N PRO A 110 12.37 19.99 -5.40
CA PRO A 110 13.00 21.02 -4.55
C PRO A 110 13.02 20.70 -3.06
N ALA A 111 12.11 19.88 -2.55
CA ALA A 111 12.01 19.65 -1.11
C ALA A 111 13.23 18.91 -0.57
N ASP A 117 8.29 10.82 3.00
CA ASP A 117 9.26 10.07 2.21
C ASP A 117 9.39 8.64 2.74
N ASP A 118 9.90 7.76 1.90
CA ASP A 118 9.98 6.34 2.26
C ASP A 118 10.92 6.13 3.43
N PRO A 119 10.50 5.43 4.48
CA PRO A 119 11.39 5.21 5.63
C PRO A 119 12.64 4.41 5.29
N HIS A 120 12.65 3.66 4.19
CA HIS A 120 13.80 2.86 3.81
C HIS A 120 14.57 3.44 2.62
N GLY A 121 14.23 4.66 2.21
CA GLY A 121 14.93 5.30 1.11
C GLY A 121 14.78 4.62 -0.23
N GLU A 122 13.78 3.77 -0.38
CA GLU A 122 13.58 3.02 -1.61
C GLU A 122 12.61 3.74 -2.53
N THR A 123 12.87 3.69 -3.83
CA THR A 123 11.93 4.17 -4.83
C THR A 123 11.05 2.99 -5.25
N LEU A 124 9.74 3.19 -5.22
CA LEU A 124 8.78 2.13 -5.44
C LEU A 124 7.88 2.45 -6.63
N VAL A 125 7.43 1.40 -7.31
CA VAL A 125 6.44 1.52 -8.37
C VAL A 125 5.30 0.55 -8.09
N TRP A 126 4.10 0.94 -8.50
CA TRP A 126 2.96 0.04 -8.42
C TRP A 126 3.11 -1.10 -9.42
N ARG A 127 2.75 -2.30 -8.99
CA ARG A 127 2.80 -3.47 -9.85
C ARG A 127 1.56 -4.32 -9.59
N PHE A 128 0.89 -4.73 -10.67
CA PHE A 128 -0.27 -5.61 -10.57
C PHE A 128 0.19 -7.05 -10.39
N ASP A 129 -0.50 -7.77 -9.52
CA ASP A 129 -0.16 -9.16 -9.22
C ASP A 129 -1.45 -9.90 -8.91
N PRO A 130 -2.03 -10.61 -9.89
CA PRO A 130 -3.28 -11.33 -9.63
C PRO A 130 -3.14 -12.45 -8.61
N MET A 131 -1.93 -12.97 -8.39
CA MET A 131 -1.74 -14.02 -7.41
C MET A 131 -2.05 -13.55 -5.99
N LEU A 132 -2.09 -12.24 -5.76
CA LEU A 132 -2.43 -11.73 -4.44
C LEU A 132 -3.87 -12.06 -4.06
N ALA A 133 -4.70 -12.43 -5.02
CA ALA A 133 -6.05 -12.89 -4.70
C ALA A 133 -6.04 -14.28 -4.09
N HIS A 134 -5.01 -15.08 -4.39
CA HIS A 134 -4.94 -16.45 -3.91
C HIS A 134 -4.00 -16.63 -2.73
N GLU A 135 -3.13 -15.66 -2.46
CA GLU A 135 -2.25 -15.71 -1.29
C GLU A 135 -2.27 -14.35 -0.62
N TYR A 136 -2.75 -14.32 0.62
CA TYR A 136 -2.74 -13.11 1.45
C TYR A 136 -1.33 -12.93 2.00
N VAL A 137 -0.44 -12.45 1.13
CA VAL A 137 0.99 -12.45 1.42
C VAL A 137 1.30 -11.61 2.66
N ALA A 138 0.66 -10.43 2.76
CA ALA A 138 0.96 -9.54 3.88
C ALA A 138 0.70 -10.22 5.21
N PHE A 139 -0.44 -10.89 5.35
CA PHE A 139 -0.80 -11.51 6.61
C PHE A 139 -0.01 -12.80 6.85
N LYS A 140 0.33 -13.54 5.80
CA LYS A 140 0.98 -14.83 5.99
C LYS A 140 2.47 -14.70 6.22
N LYS A 141 3.11 -13.68 5.64
CA LYS A 141 4.53 -13.48 5.85
C LYS A 141 4.85 -12.40 6.87
N TYR A 142 3.96 -11.44 7.09
CA TYR A 142 4.19 -10.37 8.06
C TYR A 142 2.99 -10.18 8.98
N PRO A 143 2.54 -11.24 9.66
CA PRO A 143 1.33 -11.11 10.50
C PRO A 143 1.50 -10.09 11.62
N GLU A 144 2.71 -9.91 12.13
CA GLU A 144 2.94 -8.99 13.25
C GLU A 144 2.56 -7.56 12.89
N GLU A 145 2.59 -7.21 11.60
CA GLU A 145 2.21 -5.86 11.19
C GLU A 145 0.72 -5.59 11.31
N PHE A 146 -0.08 -6.61 11.64
CA PHE A 146 -1.51 -6.43 11.87
C PHE A 146 -1.85 -6.28 13.35
N GLY A 147 -0.84 -6.24 14.22
CA GLY A 147 -1.06 -5.86 15.61
C GLY A 147 -1.96 -6.85 16.34
N TYR A 148 -3.04 -6.32 16.93
CA TYR A 148 -3.97 -7.16 17.67
C TYR A 148 -4.80 -8.05 16.75
N GLN A 149 -4.69 -7.88 15.44
CA GLN A 149 -5.28 -8.79 14.48
C GLN A 149 -4.25 -9.73 13.87
N SER A 150 -3.07 -9.84 14.49
CA SER A 150 -1.99 -10.67 13.97
C SER A 150 -2.27 -12.17 14.10
N GLY A 151 -3.14 -12.56 15.03
CA GLY A 151 -3.24 -13.97 15.36
C GLY A 151 -2.10 -14.50 16.19
N LEU A 152 -1.20 -13.62 16.65
CA LEU A 152 -0.07 -13.95 17.49
C LEU A 152 -0.28 -13.41 18.90
N PRO A 153 0.33 -14.02 19.92
CA PRO A 153 0.27 -13.44 21.25
C PRO A 153 0.83 -12.02 21.26
N GLU A 154 0.30 -11.19 22.16
CA GLU A 154 0.63 -9.77 22.17
C GLU A 154 2.13 -9.56 22.32
N ASP A 155 2.76 -10.29 23.24
CA ASP A 155 4.21 -10.15 23.43
C ASP A 155 4.98 -10.57 22.19
N VAL A 156 4.41 -11.47 21.38
CA VAL A 156 5.13 -11.99 20.22
C VAL A 156 5.17 -10.94 19.10
N TRP A 157 4.01 -10.43 18.70
CA TRP A 157 4.00 -9.50 17.57
C TRP A 157 4.66 -8.18 17.93
N LYS A 158 4.56 -7.75 19.19
CA LYS A 158 5.23 -6.53 19.62
C LYS A 158 6.75 -6.69 19.57
N ALA A 159 7.26 -7.83 20.05
CA ALA A 159 8.70 -8.06 20.00
C ALA A 159 9.20 -8.14 18.56
N LYS A 160 8.41 -8.76 17.67
CA LYS A 160 8.79 -8.83 16.27
C LYS A 160 8.83 -7.45 15.64
N LEU A 161 7.84 -6.61 15.95
CA LEU A 161 7.83 -5.25 15.42
C LEU A 161 9.00 -4.45 15.95
N LYS A 162 9.31 -4.58 17.24
CA LYS A 162 10.41 -3.83 17.82
C LYS A 162 11.75 -4.25 17.23
N ALA A 163 11.91 -5.53 16.91
CA ALA A 163 13.15 -6.01 16.32
C ALA A 163 13.34 -5.46 14.91
N ARG A 164 12.25 -5.19 14.20
CA ARG A 164 12.32 -4.64 12.85
C ARG A 164 12.23 -3.12 12.81
N GLY A 165 12.16 -2.46 13.97
CA GLY A 165 12.11 -1.02 14.04
C GLY A 165 10.77 -0.40 13.71
N ILE A 166 9.70 -1.19 13.64
CA ILE A 166 8.38 -0.69 13.29
C ILE A 166 7.64 -0.36 14.59
N PRO A 167 7.22 0.88 14.79
CA PRO A 167 6.49 1.21 16.01
C PRO A 167 5.06 0.67 15.98
N PHE A 168 4.53 0.45 17.18
CA PHE A 168 3.12 0.10 17.36
C PHE A 168 2.42 1.07 18.30
N ASN A 169 2.98 2.25 18.49
CA ASN A 169 2.52 3.22 19.49
C ASN A 169 2.54 2.57 20.87
#